data_5H9Q
#
_entry.id   5H9Q
#
_cell.length_a   53.896
_cell.length_b   64.426
_cell.length_c   70.616
_cell.angle_alpha   90.00
_cell.angle_beta   90.00
_cell.angle_gamma   90.00
#
_symmetry.space_group_name_H-M   'P 21 21 21'
#
loop_
_entity.id
_entity.type
_entity.pdbx_description
1 polymer Galectin-7
2 non-polymer '3-deoxy-3-[4-(3-fluorophenyl)-1H-1,2,3-triazol-1-yl]-beta-D-galactopyranosyl 3-deoxy-3-[4-(3-fluorophenyl)-1H-1,2,3-triazol-1-yl]-1-thio-beta-D-galactopyranoside'
3 water water
#
_entity_poly.entity_id   1
_entity_poly.type   'polypeptide(L)'
_entity_poly.pdbx_seq_one_letter_code
;GSSHHHHHHSSGLVPRGSHMSNVPHKSSLPEGIRPGTVLRIRGLVPPNASRFHVNLLCGEEQGSDAALHFNPRLDTSEVV
FNSKEQGSWGREERGPGVPFQRGQPFEVLIIASDDGFKAVVGDAQYHHFRHRLPLARVRLVEVGGDVQLDSVRIF
;
_entity_poly.pdbx_strand_id   A,B
#
# COMPACT_ATOMS: atom_id res chain seq x y z
N MET A 20 13.21 -25.37 6.61
CA MET A 20 12.21 -25.70 7.61
C MET A 20 10.81 -25.54 7.03
N SER A 21 9.82 -25.44 7.91
CA SER A 21 8.41 -25.44 7.52
C SER A 21 8.01 -24.27 6.62
N ASN A 22 6.83 -24.38 6.01
CA ASN A 22 6.19 -23.22 5.42
C ASN A 22 5.95 -22.26 6.56
N VAL A 23 6.00 -20.96 6.31
CA VAL A 23 5.65 -20.04 7.37
C VAL A 23 4.45 -19.22 6.96
N PRO A 24 3.33 -19.44 7.67
CA PRO A 24 2.04 -18.82 7.44
C PRO A 24 1.82 -17.58 8.29
N HIS A 25 0.60 -17.06 8.25
CA HIS A 25 0.26 -15.85 8.97
C HIS A 25 -1.22 -15.80 9.25
N LYS A 26 -1.56 -15.42 10.48
CA LYS A 26 -2.93 -15.08 10.83
C LYS A 26 -2.87 -13.81 11.68
N SER A 27 -3.67 -12.80 11.33
CA SER A 27 -3.76 -11.61 12.16
C SER A 27 -5.15 -10.99 12.07
N SER A 28 -5.63 -10.47 13.18
CA SER A 28 -6.96 -9.90 13.24
C SER A 28 -6.95 -8.45 12.78
N LEU A 29 -8.10 -8.01 12.30
CA LEU A 29 -8.31 -6.63 11.92
C LEU A 29 -9.48 -6.12 12.76
N PRO A 30 -9.21 -5.77 14.01
CA PRO A 30 -10.23 -5.41 15.00
C PRO A 30 -11.12 -4.26 14.53
N GLU A 31 -10.53 -3.33 13.80
CA GLU A 31 -11.29 -2.20 13.24
C GLU A 31 -11.68 -2.47 11.80
N GLY A 32 -11.50 -3.72 11.37
CA GLY A 32 -11.79 -4.09 10.00
C GLY A 32 -10.86 -3.35 9.07
N ILE A 33 -11.20 -3.33 7.78
CA ILE A 33 -10.43 -2.51 6.86
C ILE A 33 -11.34 -1.57 6.09
N ARG A 34 -10.77 -0.42 5.75
CA ARG A 34 -11.52 0.63 5.09
C ARG A 34 -10.86 0.95 3.75
N PRO A 35 -11.60 1.62 2.86
CA PRO A 35 -11.01 2.06 1.60
C PRO A 35 -9.70 2.81 1.87
N GLY A 36 -8.65 2.41 1.16
CA GLY A 36 -7.33 2.96 1.40
C GLY A 36 -6.62 2.13 2.46
N THR A 37 -6.62 0.82 2.30
CA THR A 37 -5.86 -0.07 3.17
C THR A 37 -4.95 -0.93 2.30
N VAL A 38 -3.68 -1.04 2.70
CA VAL A 38 -2.74 -1.86 1.94
C VAL A 38 -2.28 -3.08 2.72
N LEU A 39 -2.43 -4.25 2.11
CA LEU A 39 -1.86 -5.46 2.64
C LEU A 39 -0.59 -5.79 1.86
N ARG A 40 0.55 -5.72 2.53
CA ARG A 40 1.82 -5.98 1.86
C ARG A 40 2.32 -7.34 2.27
N ILE A 41 2.45 -8.24 1.30
CA ILE A 41 2.91 -9.58 1.56
C ILE A 41 4.17 -9.89 0.78
N ARG A 42 5.21 -10.25 1.51
CA ARG A 42 6.51 -10.55 0.93
C ARG A 42 6.90 -11.97 1.32
N GLY A 43 7.45 -12.73 0.39
CA GLY A 43 7.83 -14.09 0.73
C GLY A 43 8.50 -14.82 -0.40
N LEU A 44 8.76 -16.10 -0.15
CA LEU A 44 9.35 -16.99 -1.12
C LEU A 44 8.38 -18.10 -1.48
N VAL A 45 8.21 -18.34 -2.77
CA VAL A 45 7.57 -19.57 -3.24
C VAL A 45 8.63 -20.66 -3.25
N PRO A 46 8.50 -21.67 -2.38
CA PRO A 46 9.53 -22.71 -2.27
C PRO A 46 9.59 -23.62 -3.52
N PRO A 47 10.70 -24.33 -3.71
CA PRO A 47 10.99 -25.10 -4.93
C PRO A 47 9.87 -26.03 -5.42
N ASN A 48 9.17 -26.71 -4.53
CA ASN A 48 8.18 -27.67 -5.01
C ASN A 48 6.75 -27.26 -4.67
N ALA A 49 6.54 -25.95 -4.58
CA ALA A 49 5.25 -25.41 -4.17
C ALA A 49 4.13 -25.83 -5.10
N SER A 50 2.98 -26.19 -4.53
CA SER A 50 1.78 -26.45 -5.33
C SER A 50 0.96 -25.18 -5.47
N ARG A 51 0.60 -24.60 -4.33
CA ARG A 51 -0.24 -23.41 -4.30
C ARG A 51 -0.22 -22.80 -2.90
N PHE A 52 -0.54 -21.51 -2.83
CA PHE A 52 -0.70 -20.86 -1.54
C PHE A 52 -1.84 -19.87 -1.64
N HIS A 53 -2.25 -19.32 -0.52
CA HIS A 53 -3.41 -18.44 -0.53
C HIS A 53 -3.27 -17.27 0.43
N VAL A 54 -3.95 -16.18 0.06
CA VAL A 54 -4.18 -15.04 0.95
C VAL A 54 -5.68 -14.85 1.08
N ASN A 55 -6.21 -14.95 2.30
CA ASN A 55 -7.65 -14.83 2.54
C ASN A 55 -8.00 -13.65 3.42
N LEU A 56 -9.01 -12.89 3.01
CA LEU A 56 -9.60 -11.85 3.85
C LEU A 56 -10.92 -12.41 4.37
N LEU A 57 -10.93 -12.74 5.65
CA LEU A 57 -12.04 -13.49 6.24
C LEU A 57 -12.86 -12.64 7.18
N CYS A 58 -14.09 -13.07 7.45
CA CYS A 58 -15.00 -12.29 8.26
C CYS A 58 -14.96 -12.68 9.74
N GLY A 59 -14.27 -13.77 10.04
CA GLY A 59 -14.18 -14.26 11.39
C GLY A 59 -13.15 -15.37 11.56
N GLU A 60 -12.99 -15.84 12.78
CA GLU A 60 -11.97 -16.84 13.09
C GLU A 60 -12.51 -18.26 13.03
N GLU A 61 -13.81 -18.38 12.83
CA GLU A 61 -14.43 -19.70 12.72
C GLU A 61 -13.94 -20.42 11.48
N GLN A 62 -13.81 -21.73 11.55
CA GLN A 62 -13.46 -22.52 10.37
C GLN A 62 -14.52 -22.34 9.31
N GLY A 63 -14.09 -22.16 8.07
CA GLY A 63 -15.02 -22.04 6.96
C GLY A 63 -15.64 -20.66 6.87
N SER A 64 -15.04 -19.69 7.54
CA SER A 64 -15.54 -18.32 7.58
C SER A 64 -15.73 -17.74 6.18
N ASP A 65 -16.74 -16.90 6.01
CA ASP A 65 -16.95 -16.19 4.76
C ASP A 65 -15.68 -15.44 4.36
N ALA A 66 -15.44 -15.36 3.05
CA ALA A 66 -14.25 -14.72 2.54
C ALA A 66 -14.60 -13.58 1.59
N ALA A 67 -14.18 -12.38 1.95
CA ALA A 67 -14.35 -11.23 1.07
C ALA A 67 -13.39 -11.36 -0.11
N LEU A 68 -12.26 -12.01 0.14
CA LEU A 68 -11.29 -12.27 -0.90
C LEU A 68 -10.51 -13.53 -0.61
N HIS A 69 -10.42 -14.38 -1.63
CA HIS A 69 -9.57 -15.56 -1.61
C HIS A 69 -8.66 -15.40 -2.83
N PHE A 70 -7.38 -15.22 -2.57
CA PHE A 70 -6.37 -14.96 -3.59
C PHE A 70 -5.43 -16.14 -3.63
N ASN A 71 -5.44 -16.86 -4.75
CA ASN A 71 -4.90 -18.22 -4.77
C ASN A 71 -3.99 -18.49 -5.96
N PRO A 72 -2.70 -18.13 -5.83
CA PRO A 72 -1.71 -18.50 -6.84
C PRO A 72 -1.50 -20.00 -6.88
N ARG A 73 -1.77 -20.61 -8.04
CA ARG A 73 -1.61 -22.06 -8.18
C ARG A 73 -0.43 -22.36 -9.09
N LEU A 74 0.72 -22.64 -8.47
CA LEU A 74 1.93 -22.96 -9.22
C LEU A 74 1.77 -24.26 -10.01
N ASP A 75 0.99 -25.18 -9.45
CA ASP A 75 0.89 -26.50 -10.08
C ASP A 75 0.08 -26.45 -11.38
N THR A 76 -0.90 -25.56 -11.46
CA THR A 76 -1.72 -25.43 -12.65
C THR A 76 -1.46 -24.14 -13.43
N SER A 77 -0.51 -23.35 -12.95
CA SER A 77 -0.16 -22.08 -13.58
C SER A 77 -1.35 -21.13 -13.74
N GLU A 78 -2.10 -20.93 -12.67
CA GLU A 78 -3.17 -19.94 -12.67
C GLU A 78 -3.19 -19.18 -11.36
N VAL A 79 -3.72 -17.96 -11.37
CA VAL A 79 -3.99 -17.26 -10.12
C VAL A 79 -5.48 -17.00 -10.04
N VAL A 80 -6.11 -17.62 -9.04
CA VAL A 80 -7.56 -17.57 -8.87
C VAL A 80 -7.97 -16.56 -7.82
N PHE A 81 -9.01 -15.78 -8.12
CA PHE A 81 -9.64 -14.87 -7.16
C PHE A 81 -11.06 -15.33 -6.91
N ASN A 82 -11.48 -15.39 -5.65
CA ASN A 82 -12.86 -15.74 -5.34
C ASN A 82 -13.35 -15.18 -4.03
N SER A 83 -14.63 -15.39 -3.78
CA SER A 83 -15.23 -15.04 -2.51
C SER A 83 -15.96 -16.26 -1.99
N LYS A 84 -16.29 -16.26 -0.71
CA LYS A 84 -17.12 -17.29 -0.13
C LYS A 84 -18.15 -16.59 0.73
N GLU A 85 -19.43 -16.88 0.52
CA GLU A 85 -20.47 -16.19 1.25
C GLU A 85 -21.57 -17.17 1.63
N GLN A 86 -21.90 -17.17 2.92
CA GLN A 86 -22.87 -18.11 3.49
C GLN A 86 -22.45 -19.54 3.16
N GLY A 87 -21.15 -19.80 3.22
CA GLY A 87 -20.62 -21.14 3.02
C GLY A 87 -20.45 -21.56 1.57
N SER A 88 -20.89 -20.71 0.65
CA SER A 88 -20.82 -21.03 -0.77
C SER A 88 -19.82 -20.17 -1.52
N TRP A 89 -18.98 -20.81 -2.34
CA TRP A 89 -18.03 -20.10 -3.18
C TRP A 89 -18.70 -19.35 -4.33
N GLY A 90 -18.13 -18.20 -4.68
CA GLY A 90 -18.60 -17.45 -5.83
C GLY A 90 -17.99 -17.98 -7.12
N ARG A 91 -18.18 -17.23 -8.19
CA ARG A 91 -17.57 -17.57 -9.46
C ARG A 91 -16.11 -17.10 -9.45
N GLU A 92 -15.19 -17.98 -9.84
CA GLU A 92 -13.78 -17.65 -9.85
C GLU A 92 -13.44 -16.63 -10.92
N GLU A 93 -12.53 -15.71 -10.58
CA GLU A 93 -11.88 -14.85 -11.54
C GLU A 93 -10.42 -15.30 -11.66
N ARG A 94 -9.84 -15.15 -12.85
CA ARG A 94 -8.45 -15.52 -13.05
C ARG A 94 -7.65 -14.33 -13.57
N GLY A 95 -6.50 -14.10 -12.97
CA GLY A 95 -5.58 -13.07 -13.42
C GLY A 95 -4.87 -13.47 -14.69
N PRO A 96 -4.17 -12.51 -15.32
CA PRO A 96 -3.45 -12.76 -16.57
C PRO A 96 -2.09 -13.42 -16.35
N GLY A 97 -2.03 -14.73 -16.52
CA GLY A 97 -0.78 -15.46 -16.32
C GLY A 97 -0.42 -15.59 -14.85
N VAL A 98 0.76 -16.12 -14.57
CA VAL A 98 1.21 -16.34 -13.19
C VAL A 98 2.47 -15.57 -12.88
N PRO A 99 2.35 -14.43 -12.17
CA PRO A 99 3.51 -13.64 -11.77
C PRO A 99 4.20 -14.21 -10.54
N PHE A 100 4.26 -15.54 -10.46
CA PHE A 100 4.93 -16.24 -9.38
C PHE A 100 5.70 -17.42 -9.95
N GLN A 101 6.86 -17.72 -9.36
CA GLN A 101 7.65 -18.87 -9.77
C GLN A 101 8.22 -19.62 -8.58
N ARG A 102 8.23 -20.95 -8.69
CA ARG A 102 8.90 -21.79 -7.70
C ARG A 102 10.36 -21.36 -7.59
N GLY A 103 10.85 -21.19 -6.37
CA GLY A 103 12.22 -20.76 -6.15
C GLY A 103 12.45 -19.25 -6.27
N GLN A 104 11.38 -18.46 -6.40
CA GLN A 104 11.54 -17.02 -6.52
C GLN A 104 10.78 -16.24 -5.46
N PRO A 105 11.41 -15.19 -4.91
CA PRO A 105 10.72 -14.34 -3.94
C PRO A 105 9.75 -13.38 -4.65
N PHE A 106 8.78 -12.88 -3.91
CA PHE A 106 7.73 -12.03 -4.48
C PHE A 106 7.33 -10.93 -3.51
N GLU A 107 6.68 -9.91 -4.04
CA GLU A 107 5.94 -8.95 -3.22
C GLU A 107 4.57 -8.73 -3.83
N VAL A 108 3.54 -8.93 -3.02
CA VAL A 108 2.17 -8.67 -3.42
C VAL A 108 1.61 -7.52 -2.58
N LEU A 109 0.94 -6.57 -3.24
CA LEU A 109 0.09 -5.62 -2.54
C LEU A 109 -1.36 -5.98 -2.80
N ILE A 110 -2.14 -6.11 -1.73
CA ILE A 110 -3.60 -6.18 -1.85
C ILE A 110 -4.14 -4.86 -1.34
N ILE A 111 -4.69 -4.07 -2.25
CA ILE A 111 -5.11 -2.72 -1.95
C ILE A 111 -6.63 -2.59 -1.96
N ALA A 112 -7.21 -2.20 -0.82
CA ALA A 112 -8.66 -2.03 -0.73
C ALA A 112 -9.06 -0.60 -1.11
N SER A 113 -10.02 -0.52 -2.04
CA SER A 113 -10.62 0.75 -2.43
C SER A 113 -12.12 0.69 -2.16
N ASP A 114 -12.84 1.74 -2.55
CA ASP A 114 -14.29 1.75 -2.42
C ASP A 114 -14.93 0.67 -3.28
N ASP A 115 -14.26 0.34 -4.39
CA ASP A 115 -14.87 -0.47 -5.44
C ASP A 115 -14.42 -1.94 -5.46
N GLY A 116 -13.27 -2.22 -4.86
CA GLY A 116 -12.78 -3.59 -4.83
C GLY A 116 -11.37 -3.70 -4.29
N PHE A 117 -10.72 -4.81 -4.61
CA PHE A 117 -9.33 -5.05 -4.25
C PHE A 117 -8.43 -5.02 -5.48
N LYS A 118 -7.39 -4.20 -5.43
CA LYS A 118 -6.38 -4.25 -6.48
C LYS A 118 -5.24 -5.15 -6.03
N ALA A 119 -4.86 -6.09 -6.88
CA ALA A 119 -3.69 -6.92 -6.62
C ALA A 119 -2.53 -6.39 -7.46
N VAL A 120 -1.46 -6.01 -6.78
CA VAL A 120 -0.23 -5.57 -7.42
C VAL A 120 0.84 -6.60 -7.14
N VAL A 121 1.49 -7.11 -8.20
CA VAL A 121 2.55 -8.06 -8.01
C VAL A 121 3.81 -7.52 -8.66
N GLY A 122 4.91 -7.51 -7.90
CA GLY A 122 6.20 -7.02 -8.35
C GLY A 122 6.22 -5.82 -9.29
N ASP A 123 5.87 -4.65 -8.76
CA ASP A 123 5.93 -3.37 -9.49
C ASP A 123 4.84 -3.16 -10.54
N ALA A 124 3.93 -4.12 -10.71
CA ALA A 124 2.92 -3.99 -11.76
C ALA A 124 1.51 -4.33 -11.29
N GLN A 125 0.54 -3.48 -11.66
CA GLN A 125 -0.86 -3.79 -11.44
C GLN A 125 -1.20 -5.11 -12.12
N TYR A 126 -1.87 -6.00 -11.37
CA TYR A 126 -2.10 -7.35 -11.86
C TYR A 126 -3.58 -7.67 -12.12
N HIS A 127 -4.43 -7.37 -11.15
CA HIS A 127 -5.85 -7.67 -11.29
C HIS A 127 -6.70 -6.83 -10.33
N HIS A 128 -7.91 -6.51 -10.75
CA HIS A 128 -8.86 -5.80 -9.92
C HIS A 128 -10.07 -6.69 -9.66
N PHE A 129 -10.32 -6.97 -8.39
CA PHE A 129 -11.41 -7.85 -7.96
C PHE A 129 -12.47 -6.99 -7.30
N ARG A 130 -13.63 -6.82 -7.96
CA ARG A 130 -14.67 -5.97 -7.38
C ARG A 130 -15.25 -6.62 -6.13
N HIS A 131 -15.63 -5.77 -5.17
CA HIS A 131 -16.22 -6.25 -3.93
C HIS A 131 -17.46 -7.07 -4.19
N ARG A 132 -17.60 -8.16 -3.45
CA ARG A 132 -18.80 -8.97 -3.49
C ARG A 132 -19.44 -8.96 -2.10
N LEU A 133 -18.60 -8.98 -1.07
CA LEU A 133 -19.04 -8.79 0.30
C LEU A 133 -18.74 -7.37 0.72
N PRO A 134 -19.54 -6.83 1.67
CA PRO A 134 -19.22 -5.52 2.23
C PRO A 134 -17.84 -5.54 2.89
N LEU A 135 -17.03 -4.54 2.58
CA LEU A 135 -15.68 -4.44 3.10
C LEU A 135 -15.66 -4.39 4.64
N ALA A 136 -16.74 -3.90 5.24
CA ALA A 136 -16.78 -3.74 6.70
C ALA A 136 -16.82 -5.08 7.43
N ARG A 137 -17.19 -6.15 6.73
CA ARG A 137 -17.25 -7.47 7.36
C ARG A 137 -15.87 -8.10 7.59
N VAL A 138 -14.86 -7.65 6.85
CA VAL A 138 -13.53 -8.26 6.98
C VAL A 138 -12.99 -8.05 8.38
N ARG A 139 -12.47 -9.13 8.98
CA ARG A 139 -11.92 -9.02 10.34
C ARG A 139 -10.63 -9.80 10.52
N LEU A 140 -10.20 -10.52 9.50
CA LEU A 140 -9.06 -11.42 9.63
C LEU A 140 -8.31 -11.58 8.32
N VAL A 141 -6.98 -11.63 8.39
CA VAL A 141 -6.13 -11.98 7.25
C VAL A 141 -5.39 -13.27 7.55
N GLU A 142 -5.50 -14.25 6.67
CA GLU A 142 -4.69 -15.45 6.81
C GLU A 142 -3.92 -15.73 5.50
N VAL A 143 -2.65 -16.10 5.66
CA VAL A 143 -1.83 -16.48 4.53
C VAL A 143 -1.31 -17.88 4.82
N GLY A 144 -1.58 -18.81 3.91
CA GLY A 144 -1.21 -20.20 4.12
C GLY A 144 -0.85 -20.92 2.83
N GLY A 145 -0.59 -22.22 2.94
CA GLY A 145 -0.24 -23.01 1.78
C GLY A 145 1.26 -23.07 1.58
N ASP A 146 1.68 -23.38 0.37
CA ASP A 146 3.09 -23.56 0.05
C ASP A 146 3.78 -22.23 -0.19
N VAL A 147 4.13 -21.57 0.92
CA VAL A 147 4.76 -20.26 0.86
C VAL A 147 5.61 -20.07 2.09
N GLN A 148 6.76 -19.42 1.94
CA GLN A 148 7.58 -19.07 3.08
C GLN A 148 7.60 -17.55 3.20
N LEU A 149 6.75 -17.06 4.10
CA LEU A 149 6.52 -15.63 4.26
C LEU A 149 7.72 -14.93 4.86
N ASP A 150 8.08 -13.81 4.25
CA ASP A 150 9.10 -12.91 4.77
C ASP A 150 8.39 -12.01 5.77
N SER A 151 7.38 -11.28 5.30
CA SER A 151 6.58 -10.46 6.19
C SER A 151 5.16 -10.22 5.67
N VAL A 152 4.24 -10.01 6.59
CA VAL A 152 2.88 -9.58 6.28
C VAL A 152 2.60 -8.31 7.06
N ARG A 153 2.36 -7.22 6.33
CA ARG A 153 2.09 -5.94 6.98
C ARG A 153 0.78 -5.38 6.48
N ILE A 154 0.00 -4.79 7.38
CA ILE A 154 -1.26 -4.14 7.00
C ILE A 154 -1.21 -2.66 7.36
N PHE A 155 -1.36 -1.80 6.36
CA PHE A 155 -1.39 -0.35 6.58
C PHE A 155 -2.76 0.22 6.20
N PRO B 24 13.74 18.50 -8.71
CA PRO B 24 12.40 18.25 -8.18
C PRO B 24 11.55 17.43 -9.14
N HIS B 25 11.30 16.18 -8.79
CA HIS B 25 10.49 15.29 -9.59
C HIS B 25 9.01 15.66 -9.58
N LYS B 26 8.35 15.53 -10.73
CA LYS B 26 6.90 15.64 -10.81
C LYS B 26 6.30 14.48 -11.60
N SER B 27 5.24 13.89 -11.05
CA SER B 27 4.45 12.88 -11.74
C SER B 27 2.96 13.20 -11.64
N SER B 28 2.27 13.27 -12.77
CA SER B 28 0.82 13.45 -12.77
C SER B 28 0.13 12.19 -12.28
N LEU B 29 -1.00 12.35 -11.59
CA LEU B 29 -1.79 11.20 -11.18
C LEU B 29 -2.69 10.77 -12.34
N PRO B 30 -2.49 9.55 -12.85
CA PRO B 30 -3.14 9.01 -14.05
C PRO B 30 -4.67 9.02 -14.01
N GLU B 31 -5.27 8.76 -12.86
CA GLU B 31 -6.72 8.85 -12.74
C GLU B 31 -7.15 9.66 -11.52
N GLY B 32 -6.36 10.69 -11.21
CA GLY B 32 -6.62 11.47 -10.02
C GLY B 32 -6.40 10.61 -8.80
N ILE B 33 -7.13 10.89 -7.73
CA ILE B 33 -6.91 10.17 -6.48
C ILE B 33 -8.24 9.93 -5.74
N ARG B 34 -8.35 8.75 -5.17
CA ARG B 34 -9.51 8.36 -4.38
C ARG B 34 -9.01 7.42 -3.29
N PRO B 35 -9.84 7.09 -2.29
CA PRO B 35 -9.35 6.09 -1.34
C PRO B 35 -8.92 4.79 -2.04
N GLY B 36 -7.69 4.36 -1.79
CA GLY B 36 -7.13 3.22 -2.47
C GLY B 36 -6.00 3.58 -3.41
N THR B 37 -5.83 4.86 -3.70
CA THR B 37 -4.68 5.29 -4.48
C THR B 37 -3.43 5.16 -3.63
N VAL B 38 -2.39 4.52 -4.18
CA VAL B 38 -1.16 4.29 -3.46
C VAL B 38 0.05 4.81 -4.23
N LEU B 39 0.84 5.64 -3.57
CA LEU B 39 2.08 6.11 -4.15
C LEU B 39 3.24 5.42 -3.45
N ARG B 40 4.11 4.80 -4.24
CA ARG B 40 5.28 4.15 -3.68
C ARG B 40 6.52 4.88 -4.15
N ILE B 41 7.29 5.38 -3.19
CA ILE B 41 8.46 6.18 -3.49
C ILE B 41 9.70 5.51 -2.91
N ARG B 42 10.60 5.14 -3.81
CA ARG B 42 11.87 4.54 -3.41
C ARG B 42 13.00 5.52 -3.69
N GLY B 43 13.94 5.62 -2.76
CA GLY B 43 15.01 6.56 -2.93
C GLY B 43 16.13 6.39 -1.92
N LEU B 44 17.09 7.30 -2.01
CA LEU B 44 18.27 7.30 -1.16
C LEU B 44 18.43 8.68 -0.55
N VAL B 45 18.67 8.75 0.75
CA VAL B 45 18.96 10.02 1.39
C VAL B 45 20.46 10.30 1.26
N PRO B 46 20.82 11.41 0.61
CA PRO B 46 22.23 11.79 0.43
C PRO B 46 22.96 11.95 1.77
N PRO B 47 24.25 11.58 1.81
CA PRO B 47 25.05 11.68 3.03
C PRO B 47 24.99 13.04 3.73
N ASN B 48 24.78 14.10 2.95
CA ASN B 48 24.79 15.46 3.48
C ASN B 48 23.42 16.12 3.52
N ALA B 49 22.37 15.31 3.37
CA ALA B 49 21.01 15.82 3.24
C ALA B 49 20.55 16.68 4.42
N SER B 50 19.88 17.78 4.12
CA SER B 50 19.26 18.60 5.14
C SER B 50 17.81 18.16 5.32
N ARG B 51 17.05 18.28 4.24
CA ARG B 51 15.63 17.95 4.23
C ARG B 51 15.19 17.50 2.84
N PHE B 52 14.08 16.77 2.76
CA PHE B 52 13.47 16.55 1.46
C PHE B 52 11.97 16.46 1.68
N HIS B 53 11.20 16.48 0.60
CA HIS B 53 9.76 16.50 0.78
C HIS B 53 9.04 15.77 -0.34
N VAL B 54 7.85 15.30 0.01
CA VAL B 54 6.93 14.72 -0.94
C VAL B 54 5.66 15.55 -0.85
N ASN B 55 5.25 16.14 -1.97
CA ASN B 55 4.03 16.93 -2.02
C ASN B 55 2.96 16.30 -2.88
N LEU B 56 1.70 16.40 -2.42
CA LEU B 56 0.56 16.14 -3.28
C LEU B 56 -0.07 17.48 -3.63
N LEU B 57 0.03 17.87 -4.90
CA LEU B 57 -0.37 19.19 -5.35
C LEU B 57 -1.67 19.17 -6.15
N CYS B 58 -2.33 20.32 -6.21
CA CYS B 58 -3.66 20.41 -6.81
C CYS B 58 -3.62 21.04 -8.19
N GLY B 59 -2.43 21.27 -8.71
CA GLY B 59 -2.26 21.84 -10.04
C GLY B 59 -0.80 21.89 -10.43
N GLU B 60 -0.56 22.08 -11.73
CA GLU B 60 0.80 22.03 -12.27
C GLU B 60 1.50 23.38 -12.16
N GLU B 61 0.73 24.43 -11.91
CA GLU B 61 1.30 25.77 -11.82
C GLU B 61 2.04 25.95 -10.51
N GLN B 62 3.07 26.79 -10.53
CA GLN B 62 3.87 27.08 -9.35
C GLN B 62 3.02 27.73 -8.27
N GLY B 63 3.17 27.27 -7.04
CA GLY B 63 2.43 27.83 -5.93
C GLY B 63 1.06 27.20 -5.73
N SER B 64 0.79 26.11 -6.44
CA SER B 64 -0.49 25.41 -6.32
C SER B 64 -0.67 24.86 -4.92
N ASP B 65 -1.93 24.70 -4.50
CA ASP B 65 -2.23 24.22 -3.17
C ASP B 65 -1.72 22.80 -2.97
N ALA B 66 -1.21 22.52 -1.77
CA ALA B 66 -0.72 21.19 -1.43
C ALA B 66 -1.67 20.50 -0.47
N ALA B 67 -2.35 19.47 -0.94
CA ALA B 67 -3.21 18.68 -0.07
C ALA B 67 -2.37 17.97 0.99
N LEU B 68 -1.13 17.64 0.64
CA LEU B 68 -0.23 16.97 1.58
C LEU B 68 1.21 17.38 1.35
N HIS B 69 1.90 17.70 2.43
CA HIS B 69 3.32 18.03 2.42
C HIS B 69 4.01 17.16 3.48
N PHE B 70 4.84 16.23 3.02
CA PHE B 70 5.52 15.25 3.88
C PHE B 70 7.01 15.58 3.90
N ASN B 71 7.50 16.06 5.03
CA ASN B 71 8.78 16.72 5.07
C ASN B 71 9.72 16.19 6.16
N PRO B 72 10.49 15.13 5.85
CA PRO B 72 11.55 14.65 6.73
C PRO B 72 12.68 15.67 6.84
N ARG B 73 13.04 16.02 8.06
CA ARG B 73 14.10 16.99 8.30
C ARG B 73 15.25 16.33 9.05
N LEU B 74 16.31 16.00 8.32
CA LEU B 74 17.42 15.26 8.90
C LEU B 74 18.34 16.15 9.73
N ASP B 75 18.43 17.42 9.38
CA ASP B 75 19.33 18.32 10.08
C ASP B 75 18.81 18.67 11.47
N THR B 76 17.49 18.59 11.67
CA THR B 76 16.92 18.82 13.00
C THR B 76 16.19 17.60 13.56
N SER B 77 16.37 16.44 12.92
CA SER B 77 15.81 15.17 13.38
C SER B 77 14.31 15.23 13.70
N GLU B 78 13.52 15.64 12.72
CA GLU B 78 12.07 15.71 12.89
C GLU B 78 11.36 15.43 11.58
N VAL B 79 10.05 15.27 11.64
CA VAL B 79 9.24 15.20 10.42
C VAL B 79 8.10 16.20 10.55
N VAL B 80 7.85 16.95 9.49
CA VAL B 80 6.73 17.87 9.48
C VAL B 80 5.72 17.46 8.41
N PHE B 81 4.45 17.41 8.81
CA PHE B 81 3.33 17.27 7.89
C PHE B 81 2.58 18.58 7.83
N ASN B 82 2.14 18.98 6.65
CA ASN B 82 1.33 20.19 6.53
C ASN B 82 0.59 20.25 5.21
N SER B 83 -0.27 21.24 5.07
CA SER B 83 -0.94 21.51 3.80
C SER B 83 -0.74 22.98 3.47
N LYS B 84 -0.87 23.32 2.20
CA LYS B 84 -0.77 24.71 1.77
C LYS B 84 -2.00 25.10 0.98
N GLU B 85 -2.62 26.21 1.37
CA GLU B 85 -3.78 26.70 0.65
C GLU B 85 -3.68 28.21 0.47
N GLN B 86 -3.78 28.67 -0.78
CA GLN B 86 -3.68 30.09 -1.10
C GLN B 86 -2.31 30.59 -0.58
N GLY B 87 -1.26 29.93 -1.08
CA GLY B 87 0.10 30.29 -0.73
C GLY B 87 0.44 30.31 0.75
N SER B 88 -0.47 29.82 1.58
CA SER B 88 -0.27 29.85 3.03
C SER B 88 -0.31 28.46 3.65
N TRP B 89 0.72 28.14 4.42
CA TRP B 89 0.81 26.85 5.12
C TRP B 89 -0.19 26.76 6.26
N GLY B 90 -0.64 25.55 6.56
CA GLY B 90 -1.60 25.32 7.62
C GLY B 90 -0.94 24.97 8.94
N ARG B 91 -1.70 24.35 9.82
CA ARG B 91 -1.16 23.90 11.10
C ARG B 91 -0.21 22.73 10.89
N GLU B 92 1.00 22.84 11.44
CA GLU B 92 1.99 21.77 11.32
C GLU B 92 1.66 20.58 12.22
N GLU B 93 1.68 19.39 11.65
CA GLU B 93 1.65 18.17 12.45
C GLU B 93 3.07 17.64 12.47
N ARG B 94 3.78 17.93 13.57
CA ARG B 94 5.20 17.66 13.66
C ARG B 94 5.55 16.86 14.89
N GLY B 95 6.76 16.30 14.89
CA GLY B 95 7.24 15.53 16.01
C GLY B 95 8.73 15.22 15.88
N PRO B 96 9.39 15.04 17.03
CA PRO B 96 10.83 14.69 17.04
C PRO B 96 11.06 13.28 16.48
N GLY B 97 12.27 13.05 15.98
CA GLY B 97 12.60 11.77 15.40
C GLY B 97 12.28 11.74 13.91
N VAL B 98 13.03 10.93 13.17
CA VAL B 98 12.81 10.80 11.74
C VAL B 98 13.21 9.40 11.29
N PRO B 99 12.29 8.70 10.59
CA PRO B 99 12.51 7.32 10.15
C PRO B 99 13.36 7.23 8.88
N PHE B 100 14.29 8.17 8.73
CA PHE B 100 15.22 8.19 7.61
C PHE B 100 16.62 8.43 8.15
N GLN B 101 17.63 7.98 7.43
CA GLN B 101 19.02 8.17 7.83
C GLN B 101 19.84 8.63 6.63
N ARG B 102 20.71 9.62 6.84
CA ARG B 102 21.62 10.07 5.80
C ARG B 102 22.43 8.88 5.28
N GLY B 103 22.51 8.75 3.96
CA GLY B 103 23.28 7.68 3.34
C GLY B 103 22.50 6.40 3.12
N GLN B 104 21.29 6.32 3.67
CA GLN B 104 20.53 5.07 3.63
C GLN B 104 19.31 5.13 2.71
N PRO B 105 19.04 4.03 2.00
CA PRO B 105 17.87 3.94 1.12
C PRO B 105 16.57 3.81 1.91
N PHE B 106 15.45 4.14 1.26
CA PHE B 106 14.16 4.06 1.92
C PHE B 106 13.07 3.64 0.95
N GLU B 107 11.95 3.21 1.50
CA GLU B 107 10.74 3.00 0.72
C GLU B 107 9.56 3.60 1.46
N VAL B 108 8.90 4.55 0.81
CA VAL B 108 7.76 5.23 1.40
C VAL B 108 6.47 4.90 0.67
N LEU B 109 5.41 4.65 1.42
CA LEU B 109 4.08 4.57 0.84
C LEU B 109 3.22 5.74 1.29
N ILE B 110 2.58 6.40 0.32
CA ILE B 110 1.54 7.36 0.63
C ILE B 110 0.20 6.77 0.19
N ILE B 111 -0.66 6.48 1.15
CA ILE B 111 -1.90 5.78 0.87
C ILE B 111 -3.08 6.71 1.16
N ALA B 112 -3.88 7.00 0.15
CA ALA B 112 -5.07 7.82 0.36
C ALA B 112 -6.18 6.96 0.94
N SER B 113 -6.70 7.38 2.08
CA SER B 113 -7.81 6.69 2.71
C SER B 113 -9.02 7.61 2.71
N ASP B 114 -10.15 7.11 3.21
CA ASP B 114 -11.37 7.91 3.18
C ASP B 114 -11.29 9.12 4.13
N ASP B 115 -10.48 9.03 5.19
CA ASP B 115 -10.40 10.15 6.12
C ASP B 115 -9.03 10.83 6.19
N GLY B 116 -8.05 10.33 5.43
CA GLY B 116 -6.75 10.96 5.40
C GLY B 116 -5.71 10.25 4.56
N PHE B 117 -4.46 10.69 4.67
CA PHE B 117 -3.34 10.00 4.04
C PHE B 117 -2.54 9.22 5.08
N LYS B 118 -2.30 7.96 4.80
CA LYS B 118 -1.43 7.17 5.64
C LYS B 118 -0.02 7.21 5.05
N ALA B 119 0.93 7.64 5.87
CA ALA B 119 2.33 7.70 5.47
C ALA B 119 3.09 6.52 6.06
N VAL B 120 3.58 5.66 5.18
CA VAL B 120 4.27 4.45 5.61
C VAL B 120 5.76 4.58 5.28
N VAL B 121 6.61 4.27 6.24
CA VAL B 121 8.05 4.27 6.01
C VAL B 121 8.62 2.92 6.48
N GLY B 122 9.38 2.26 5.64
CA GLY B 122 9.88 0.93 5.97
C GLY B 122 8.75 -0.06 6.18
N ASP B 123 8.65 -0.59 7.40
CA ASP B 123 7.67 -1.64 7.67
C ASP B 123 6.50 -1.19 8.53
N ALA B 124 6.41 0.11 8.80
CA ALA B 124 5.42 0.60 9.76
C ALA B 124 4.79 1.91 9.33
N GLN B 125 3.50 2.06 9.59
CA GLN B 125 2.82 3.32 9.32
C GLN B 125 3.38 4.38 10.26
N TYR B 126 3.91 5.46 9.68
CA TYR B 126 4.56 6.48 10.49
C TYR B 126 3.58 7.56 10.96
N HIS B 127 2.60 7.87 10.13
CA HIS B 127 1.61 8.88 10.49
C HIS B 127 0.37 8.76 9.64
N HIS B 128 -0.74 9.25 10.19
CA HIS B 128 -2.00 9.34 9.47
C HIS B 128 -2.41 10.82 9.43
N PHE B 129 -2.37 11.41 8.25
CA PHE B 129 -2.61 12.85 8.07
C PHE B 129 -4.04 13.07 7.58
N ARG B 130 -4.92 13.52 8.48
CA ARG B 130 -6.31 13.69 8.10
C ARG B 130 -6.48 14.74 7.01
N HIS B 131 -7.43 14.50 6.11
CA HIS B 131 -7.62 15.38 4.96
C HIS B 131 -7.96 16.80 5.36
N ARG B 132 -7.37 17.77 4.67
CA ARG B 132 -7.72 19.17 4.86
C ARG B 132 -8.34 19.72 3.59
N LEU B 133 -7.68 19.50 2.47
CA LEU B 133 -8.20 19.91 1.17
C LEU B 133 -9.02 18.75 0.61
N PRO B 134 -9.93 19.04 -0.34
CA PRO B 134 -10.69 17.92 -0.93
C PRO B 134 -9.78 16.96 -1.69
N LEU B 135 -9.91 15.68 -1.40
CA LEU B 135 -9.08 14.66 -2.04
C LEU B 135 -9.13 14.79 -3.57
N ALA B 136 -10.30 15.10 -4.10
CA ALA B 136 -10.50 15.16 -5.54
C ALA B 136 -9.71 16.29 -6.23
N ARG B 137 -9.10 17.18 -5.46
CA ARG B 137 -8.36 18.29 -6.06
C ARG B 137 -6.89 17.93 -6.36
N VAL B 138 -6.43 16.80 -5.85
CA VAL B 138 -5.02 16.41 -6.03
C VAL B 138 -4.73 15.95 -7.45
N ARG B 139 -3.73 16.56 -8.09
CA ARG B 139 -3.44 16.31 -9.50
C ARG B 139 -2.06 15.69 -9.76
N LEU B 140 -1.10 15.98 -8.88
CA LEU B 140 0.24 15.46 -9.12
C LEU B 140 1.03 15.26 -7.84
N VAL B 141 2.10 14.49 -7.96
CA VAL B 141 3.01 14.29 -6.86
C VAL B 141 4.33 14.96 -7.20
N GLU B 142 4.90 15.65 -6.21
CA GLU B 142 6.16 16.33 -6.36
C GLU B 142 7.12 15.85 -5.29
N VAL B 143 8.34 15.51 -5.71
CA VAL B 143 9.37 15.07 -4.79
C VAL B 143 10.57 16.00 -4.93
N GLY B 144 10.88 16.75 -3.86
CA GLY B 144 11.96 17.72 -3.92
C GLY B 144 12.85 17.72 -2.69
N GLY B 145 13.82 18.64 -2.68
CA GLY B 145 14.76 18.73 -1.58
C GLY B 145 15.95 17.80 -1.77
N ASP B 146 16.58 17.41 -0.66
CA ASP B 146 17.79 16.60 -0.70
C ASP B 146 17.49 15.12 -0.71
N VAL B 147 17.28 14.56 -1.90
CA VAL B 147 16.94 13.15 -2.02
C VAL B 147 17.34 12.62 -3.39
N GLN B 148 17.86 11.39 -3.41
CA GLN B 148 18.09 10.67 -4.65
C GLN B 148 16.89 9.78 -4.92
N LEU B 149 16.10 10.11 -5.93
CA LEU B 149 14.89 9.38 -6.22
C LEU B 149 15.19 8.19 -7.13
N ASP B 150 14.78 7.00 -6.71
CA ASP B 150 14.97 5.81 -7.53
C ASP B 150 13.75 5.57 -8.41
N SER B 151 12.56 5.61 -7.79
CA SER B 151 11.32 5.43 -8.55
C SER B 151 10.09 5.95 -7.83
N VAL B 152 9.12 6.39 -8.62
CA VAL B 152 7.79 6.73 -8.14
C VAL B 152 6.78 5.88 -8.89
N ARG B 153 6.03 5.05 -8.17
CA ARG B 153 5.00 4.23 -8.78
C ARG B 153 3.67 4.59 -8.18
N ILE B 154 2.63 4.61 -9.01
CA ILE B 154 1.29 4.89 -8.52
C ILE B 154 0.37 3.71 -8.79
N PHE B 155 -0.21 3.16 -7.72
CA PHE B 155 -1.10 2.02 -7.87
C PHE B 155 -2.52 2.39 -7.48
#